data_2PWA
#
_entry.id   2PWA
#
_cell.length_a   67.302
_cell.length_b   67.302
_cell.length_c   106.506
_cell.angle_alpha   90.00
_cell.angle_beta   90.00
_cell.angle_gamma   90.00
#
_symmetry.space_group_name_H-M   'P 43 21 2'
#
loop_
_entity.id
_entity.type
_entity.pdbx_description
1 polymer 'Proteinase K'
2 non-polymer 'CALCIUM ION'
3 non-polymer 'NITRATE ION'
4 non-polymer 'SULFATE ION'
5 non-polymer 'ALANINE BORONIC ACID'
6 water water
#
_entity_poly.entity_id   1
_entity_poly.type   'polypeptide(L)'
_entity_poly.pdbx_seq_one_letter_code
;AAQTNAPWGLARISSTSPGTSTYYYDESAGQGSCVYVIDTGIEASHPEFEGRAQMVKTYYYSSRDGNGHGTHCAGTVGSR
TYGVAKKTQLFGVKVLDDNGSGQYSTIIAGMDFVASDKNNRNCPKGVVASLSLGGGYSSSVNSAAARLQSSGVMVAVAAG
NNNADARNYSPASEPSVCTVGASDRYDRRSSFSNYGSVLDIFGPGTDILSTWIGGSTRSISGTSMATPHVAGLAAYLMTL
GKTTAASACRYIADTANKGDLSNIPFGTVNLLAYNNYQA
;
_entity_poly.pdbx_strand_id   A
#
loop_
_chem_comp.id
_chem_comp.type
_chem_comp.name
_chem_comp.formula
B2A peptide-like 'ALANINE BORONIC ACID' 'C2 H8 B N O2'
CA non-polymer 'CALCIUM ION' 'Ca 2'
NO3 non-polymer 'NITRATE ION' 'N O3 -1'
SO4 non-polymer 'SULFATE ION' 'O4 S -2'
#
# COMPACT_ATOMS: atom_id res chain seq x y z
N ALA A 1 21.59 -1.25 -1.12
CA ALA A 1 21.47 0.23 -1.00
C ALA A 1 21.03 0.48 0.42
N ALA A 2 21.28 1.70 0.90
CA ALA A 2 20.93 2.11 2.23
C ALA A 2 20.55 3.59 2.15
N GLN A 3 19.41 3.91 2.66
CA GLN A 3 18.95 5.26 2.86
C GLN A 3 19.04 5.61 4.32
N THR A 4 19.99 6.52 4.67
CA THR A 4 20.12 6.86 6.05
C THR A 4 19.03 7.89 6.47
N ASN A 5 18.71 7.89 7.74
CA ASN A 5 17.75 8.80 8.29
C ASN A 5 16.43 8.70 7.51
N ALA A 6 16.01 7.47 7.24
CA ALA A 6 14.82 7.22 6.45
C ALA A 6 13.62 7.43 7.37
N PRO A 7 12.43 7.62 6.81
CA PRO A 7 11.21 7.55 7.62
C PRO A 7 11.20 6.24 8.37
N TRP A 8 10.67 6.25 9.59
CA TRP A 8 10.76 5.11 10.45
C TRP A 8 10.17 3.85 9.77
N GLY A 9 9.10 4.01 9.04
CA GLY A 9 8.45 2.85 8.46
C GLY A 9 9.30 2.14 7.43
N LEU A 10 10.07 2.93 6.65
CA LEU A 10 10.97 2.31 5.71
C LEU A 10 12.08 1.55 6.46
N ALA A 11 12.66 2.19 7.46
CA ALA A 11 13.64 1.49 8.28
C ALA A 11 13.03 0.23 8.88
N ARG A 12 11.78 0.29 9.32
CA ARG A 12 11.16 -0.84 9.97
C ARG A 12 11.01 -2.02 9.06
N ILE A 13 10.65 -1.77 7.80
CA ILE A 13 10.43 -2.92 6.91
C ILE A 13 11.78 -3.53 6.50
N SER A 14 12.91 -2.97 6.81
CA SER A 14 14.17 -3.58 6.55
C SER A 14 14.92 -3.97 7.82
N SER A 15 14.24 -4.17 8.91
CA SER A 15 14.87 -4.58 10.17
C SER A 15 14.05 -5.65 10.85
N THR A 16 14.70 -6.53 11.60
CA THR A 16 13.98 -7.42 12.48
C THR A 16 13.54 -6.77 13.76
N SER A 17 14.04 -5.54 14.02
CA SER A 17 13.76 -4.85 15.26
C SER A 17 13.32 -3.43 15.04
N PRO A 18 12.49 -2.94 15.96
CA PRO A 18 12.11 -1.52 15.90
C PRO A 18 13.28 -0.61 16.29
N GLY A 19 13.17 0.67 15.95
CA GLY A 19 14.08 1.63 16.46
C GLY A 19 15.26 1.96 15.54
N THR A 20 15.36 1.37 14.38
CA THR A 20 16.43 1.68 13.50
C THR A 20 16.02 2.87 12.63
N SER A 21 17.01 3.37 11.89
CA SER A 21 16.83 4.57 11.08
C SER A 21 17.22 4.47 9.63
N THR A 22 17.79 3.30 9.21
CA THR A 22 18.40 3.21 7.90
C THR A 22 17.49 2.23 7.15
N TYR A 23 17.06 2.57 5.97
CA TYR A 23 16.32 1.69 5.12
C TYR A 23 17.26 0.97 4.18
N TYR A 24 17.44 -0.32 4.26
CA TYR A 24 18.28 -1.19 3.55
C TYR A 24 17.42 -1.86 2.51
N TYR A 25 17.83 -1.80 1.26
CA TYR A 25 17.06 -2.39 0.17
C TYR A 25 17.93 -2.64 -1.03
N ASP A 26 17.51 -3.64 -1.81
CA ASP A 26 18.20 -3.90 -3.07
C ASP A 26 17.98 -2.75 -4.05
N GLU A 27 19.04 -2.36 -4.73
CA GLU A 27 18.99 -1.23 -5.60
C GLU A 27 18.08 -1.37 -6.75
N SER A 28 17.63 -2.59 -7.10
CA SER A 28 16.66 -2.70 -8.16
C SER A 28 15.40 -1.91 -7.85
N ALA A 29 15.02 -1.84 -6.58
CA ALA A 29 14.05 -0.85 -6.10
C ALA A 29 12.72 -0.88 -6.85
N GLY A 30 12.25 -2.05 -7.25
CA GLY A 30 10.98 -2.13 -7.93
C GLY A 30 11.01 -1.68 -9.38
N GLN A 31 12.16 -1.46 -10.00
CA GLN A 31 12.24 -1.10 -11.39
C GLN A 31 11.54 -2.21 -12.18
N GLY A 32 10.75 -1.81 -13.15
CA GLY A 32 10.06 -2.71 -14.06
C GLY A 32 8.69 -3.19 -13.56
N SER A 33 8.36 -2.83 -12.32
CA SER A 33 7.03 -3.09 -11.77
C SER A 33 6.18 -1.83 -11.95
N CYS A 34 4.89 -2.01 -11.75
CA CYS A 34 3.96 -0.92 -11.84
C CYS A 34 2.99 -1.01 -10.65
N VAL A 35 2.71 0.13 -10.05
CA VAL A 35 1.75 0.18 -8.95
C VAL A 35 0.69 1.23 -9.27
N TYR A 36 -0.55 0.75 -9.33
CA TYR A 36 -1.70 1.62 -9.43
C TYR A 36 -2.13 2.05 -8.04
N VAL A 37 -2.22 3.35 -7.84
CA VAL A 37 -2.66 3.92 -6.58
C VAL A 37 -4.07 4.44 -6.81
N ILE A 38 -5.05 3.75 -6.24
CA ILE A 38 -6.46 3.97 -6.51
C ILE A 38 -6.95 4.83 -5.33
N ASP A 39 -7.13 6.13 -5.56
CA ASP A 39 -7.18 7.07 -4.43
C ASP A 39 -7.70 8.41 -4.92
N THR A 40 -7.22 9.50 -4.29
CA THR A 40 -7.62 10.84 -4.68
C THR A 40 -6.83 11.41 -5.86
N GLY A 41 -5.96 10.60 -6.46
CA GLY A 41 -5.06 11.06 -7.49
C GLY A 41 -3.64 11.08 -7.01
N ILE A 42 -2.74 11.54 -7.87
CA ILE A 42 -1.34 11.66 -7.57
C ILE A 42 -0.88 12.97 -8.19
N GLU A 43 -0.21 13.81 -7.43
CA GLU A 43 0.44 15.01 -7.97
C GLU A 43 1.73 14.55 -8.64
N ALA A 44 1.59 14.14 -9.89
CA ALA A 44 2.71 13.52 -10.62
C ALA A 44 3.89 14.48 -10.79
N SER A 45 3.62 15.78 -10.77
CA SER A 45 4.70 16.75 -10.89
C SER A 45 5.58 16.85 -9.67
N HIS A 46 5.23 16.20 -8.59
CA HIS A 46 6.03 16.35 -7.40
C HIS A 46 7.45 15.88 -7.71
N PRO A 47 8.48 16.67 -7.36
CA PRO A 47 9.83 16.23 -7.66
C PRO A 47 10.16 14.87 -7.12
N GLU A 48 9.63 14.44 -6.01
CA GLU A 48 9.85 13.20 -5.41
C GLU A 48 9.47 11.98 -6.28
N PHE A 49 8.64 12.18 -7.26
CA PHE A 49 8.27 11.10 -8.15
C PHE A 49 9.21 10.96 -9.35
N GLU A 50 10.02 11.97 -9.64
CA GLU A 50 11.09 11.85 -10.61
C GLU A 50 10.58 11.46 -11.97
N GLY A 51 9.38 11.84 -12.35
CA GLY A 51 8.80 11.51 -13.64
C GLY A 51 8.23 10.12 -13.73
N ARG A 52 8.26 9.35 -12.65
CA ARG A 52 7.78 7.98 -12.63
C ARG A 52 6.30 7.85 -12.29
N ALA A 53 5.61 8.93 -12.04
CA ALA A 53 4.19 8.90 -11.77
C ALA A 53 3.41 9.53 -12.91
N GLN A 54 2.23 8.98 -13.16
CA GLN A 54 1.33 9.60 -14.10
C GLN A 54 -0.08 9.25 -13.70
N MET A 55 -1.00 10.17 -13.95
CA MET A 55 -2.42 9.89 -13.88
C MET A 55 -2.85 9.12 -15.11
N VAL A 56 -3.65 8.11 -14.91
CA VAL A 56 -4.19 7.35 -16.01
C VAL A 56 -5.69 7.38 -16.10
N LYS A 57 -6.40 7.77 -15.04
CA LYS A 57 -7.84 7.75 -15.03
C LYS A 57 -8.34 8.63 -13.91
N THR A 58 -9.41 9.39 -14.19
CA THR A 58 -10.13 10.07 -13.16
C THR A 58 -11.61 9.87 -13.37
N TYR A 59 -12.34 9.78 -12.26
CA TYR A 59 -13.77 9.71 -12.23
C TYR A 59 -14.39 11.05 -11.83
N TYR A 60 -13.59 12.09 -11.78
CA TYR A 60 -14.04 13.42 -11.41
C TYR A 60 -13.66 14.40 -12.49
N TYR A 61 -13.99 15.66 -12.24
CA TYR A 61 -13.85 16.72 -13.22
C TYR A 61 -12.41 16.89 -13.66
N SER A 62 -11.49 16.69 -12.73
CA SER A 62 -10.06 16.82 -12.97
C SER A 62 -9.34 15.55 -12.53
N SER A 63 -8.17 15.35 -13.06
CA SER A 63 -7.29 14.34 -12.55
C SER A 63 -6.38 14.82 -11.41
N ARG A 64 -6.45 16.06 -11.05
CA ARG A 64 -5.65 16.64 -9.99
C ARG A 64 -6.03 16.02 -8.66
N ASP A 65 -5.02 15.72 -7.87
CA ASP A 65 -5.19 15.39 -6.47
C ASP A 65 -5.39 16.70 -5.71
N GLY A 66 -6.63 17.03 -5.38
CA GLY A 66 -6.91 18.22 -4.64
C GLY A 66 -6.98 17.98 -3.14
N ASN A 67 -6.61 16.78 -2.72
CA ASN A 67 -6.64 16.40 -1.33
C ASN A 67 -5.26 16.25 -0.71
N GLY A 68 -4.44 15.39 -1.31
CA GLY A 68 -3.16 15.02 -0.79
C GLY A 68 -3.05 13.55 -0.44
N HIS A 69 -4.16 12.93 -0.06
CA HIS A 69 -4.11 11.55 0.44
C HIS A 69 -3.47 10.62 -0.58
N GLY A 70 -3.90 10.69 -1.84
CA GLY A 70 -3.39 9.80 -2.85
C GLY A 70 -1.93 10.07 -3.14
N THR A 71 -1.53 11.33 -3.12
CA THR A 71 -0.15 11.69 -3.29
C THR A 71 0.70 11.11 -2.14
N HIS A 72 0.19 11.15 -0.92
CA HIS A 72 0.91 10.62 0.21
C HIS A 72 1.09 9.11 0.06
N CYS A 73 -0.01 8.41 -0.25
CA CYS A 73 0.09 6.98 -0.42
C CYS A 73 1.03 6.61 -1.56
N ALA A 74 0.93 7.32 -2.69
CA ALA A 74 1.83 7.06 -3.79
C ALA A 74 3.28 7.29 -3.39
N GLY A 75 3.50 8.30 -2.57
CA GLY A 75 4.86 8.54 -2.10
C GLY A 75 5.40 7.42 -1.26
N THR A 76 4.56 6.78 -0.44
CA THR A 76 5.03 5.65 0.34
C THR A 76 5.29 4.44 -0.53
N VAL A 77 4.53 4.28 -1.61
CA VAL A 77 4.85 3.22 -2.53
C VAL A 77 6.22 3.46 -3.19
N GLY A 78 6.40 4.66 -3.76
CA GLY A 78 7.42 4.82 -4.80
C GLY A 78 8.08 6.15 -4.89
N SER A 79 7.94 7.10 -3.97
CA SER A 79 8.75 8.31 -4.08
C SER A 79 10.21 7.98 -3.75
N ARG A 80 11.09 8.88 -4.20
CA ARG A 80 12.50 8.73 -3.93
C ARG A 80 12.80 8.62 -2.44
N THR A 81 12.38 9.63 -1.67
CA THR A 81 12.78 9.68 -0.29
C THR A 81 11.86 8.88 0.62
N TYR A 82 10.58 8.79 0.27
CA TYR A 82 9.59 8.26 1.18
C TYR A 82 9.08 6.89 0.76
N GLY A 83 9.54 6.36 -0.36
CA GLY A 83 8.96 5.18 -0.93
C GLY A 83 9.75 3.91 -0.64
N VAL A 84 8.97 2.81 -0.62
CA VAL A 84 9.51 1.48 -0.48
C VAL A 84 10.22 1.03 -1.75
N ALA A 85 9.57 1.27 -2.89
CA ALA A 85 10.02 0.79 -4.23
C ALA A 85 10.34 2.01 -5.06
N LYS A 86 11.57 2.51 -4.87
CA LYS A 86 11.93 3.84 -5.32
C LYS A 86 12.09 3.99 -6.84
N LYS A 87 12.02 2.89 -7.57
CA LYS A 87 12.13 2.91 -9.03
C LYS A 87 10.91 2.35 -9.70
N THR A 88 9.81 2.11 -8.97
CA THR A 88 8.61 1.61 -9.62
C THR A 88 7.95 2.72 -10.47
N GLN A 89 7.06 2.28 -11.33
CA GLN A 89 6.16 3.15 -12.08
CA GLN A 89 6.17 3.19 -12.04
C GLN A 89 4.86 3.30 -11.30
N LEU A 90 4.39 4.52 -11.12
CA LEU A 90 3.17 4.78 -10.40
C LEU A 90 2.09 5.27 -11.36
N PHE A 91 0.92 4.69 -11.24
CA PHE A 91 -0.24 5.09 -12.04
C PHE A 91 -1.35 5.52 -11.12
N GLY A 92 -1.86 6.72 -11.33
CA GLY A 92 -2.93 7.22 -10.49
C GLY A 92 -4.30 7.01 -11.11
N VAL A 93 -5.20 6.52 -10.26
CA VAL A 93 -6.59 6.29 -10.63
C VAL A 93 -7.42 7.02 -9.57
N LYS A 94 -8.06 8.13 -9.96
CA LYS A 94 -8.76 8.97 -9.02
C LYS A 94 -10.22 8.54 -8.89
N VAL A 95 -10.46 7.72 -7.88
CA VAL A 95 -11.80 7.27 -7.50
C VAL A 95 -12.33 8.02 -6.30
N LEU A 96 -11.50 8.78 -5.60
CA LEU A 96 -11.90 9.56 -4.44
C LEU A 96 -11.84 11.02 -4.80
N ASP A 97 -12.82 11.75 -4.29
CA ASP A 97 -12.94 13.18 -4.50
C ASP A 97 -11.89 13.89 -3.66
N ASP A 98 -11.89 15.24 -3.80
CA ASP A 98 -10.90 16.04 -3.14
C ASP A 98 -11.12 16.20 -1.65
N ASN A 99 -12.21 15.67 -1.10
CA ASN A 99 -12.38 15.50 0.32
C ASN A 99 -12.01 14.11 0.81
N GLY A 100 -11.51 13.26 -0.10
CA GLY A 100 -11.13 11.94 0.28
C GLY A 100 -12.19 10.92 0.30
N SER A 101 -13.37 11.21 -0.22
CA SER A 101 -14.56 10.41 -0.20
C SER A 101 -14.82 9.83 -1.58
N GLY A 102 -15.52 8.67 -1.64
CA GLY A 102 -15.96 8.21 -2.94
C GLY A 102 -17.09 7.24 -2.80
N GLN A 103 -17.93 7.15 -3.78
CA GLN A 103 -18.99 6.20 -3.82
C GLN A 103 -18.44 4.83 -4.23
N TYR A 104 -19.05 3.79 -3.69
CA TYR A 104 -18.62 2.47 -4.05
C TYR A 104 -18.73 2.14 -5.50
N SER A 105 -19.72 2.63 -6.22
CA SER A 105 -19.81 2.31 -7.63
C SER A 105 -18.56 2.82 -8.35
N THR A 106 -18.09 3.99 -7.98
CA THR A 106 -16.92 4.61 -8.59
C THR A 106 -15.64 3.85 -8.24
N ILE A 107 -15.53 3.47 -6.98
CA ILE A 107 -14.39 2.68 -6.54
C ILE A 107 -14.32 1.35 -7.28
N ILE A 108 -15.47 0.70 -7.42
CA ILE A 108 -15.56 -0.53 -8.18
C ILE A 108 -15.10 -0.30 -9.63
N ALA A 109 -15.63 0.77 -10.24
CA ALA A 109 -15.25 1.05 -11.63
C ALA A 109 -13.75 1.23 -11.74
N GLY A 110 -13.11 1.92 -10.78
CA GLY A 110 -11.69 2.10 -10.84
C GLY A 110 -10.91 0.82 -10.73
N MET A 111 -11.38 -0.13 -9.91
CA MET A 111 -10.74 -1.43 -9.86
C MET A 111 -10.84 -2.14 -11.21
N ASP A 112 -12.06 -2.14 -11.77
CA ASP A 112 -12.21 -2.80 -13.06
C ASP A 112 -11.35 -2.10 -14.12
N PHE A 113 -11.22 -0.79 -14.04
CA PHE A 113 -10.35 -0.06 -14.96
C PHE A 113 -8.93 -0.62 -14.89
N VAL A 114 -8.40 -0.76 -13.68
CA VAL A 114 -7.02 -1.23 -13.57
C VAL A 114 -6.82 -2.60 -14.17
N ALA A 115 -7.80 -3.48 -13.90
CA ALA A 115 -7.70 -4.84 -14.40
C ALA A 115 -7.56 -4.83 -15.90
N SER A 116 -8.24 -3.90 -16.61
CA SER A 116 -8.12 -3.79 -18.04
C SER A 116 -6.89 -2.99 -18.48
N ASP A 117 -6.69 -1.83 -17.88
CA ASP A 117 -5.66 -0.91 -18.31
C ASP A 117 -4.27 -1.52 -18.25
N LYS A 118 -4.05 -2.43 -17.31
CA LYS A 118 -2.73 -3.03 -17.20
C LYS A 118 -2.33 -3.73 -18.50
N ASN A 119 -3.28 -4.11 -19.30
CA ASN A 119 -2.92 -4.65 -20.69
C ASN A 119 -2.40 -3.56 -21.59
N ASN A 120 -2.44 -2.27 -21.41
CA ASN A 120 -1.89 -1.20 -22.20
C ASN A 120 -0.53 -0.74 -21.70
N ARG A 121 -0.04 -1.36 -20.65
CA ARG A 121 1.12 -0.86 -19.92
C ARG A 121 2.23 -1.89 -19.99
N ASN A 122 3.44 -1.42 -20.11
CA ASN A 122 4.58 -2.30 -20.09
C ASN A 122 5.10 -2.43 -18.64
N CYS A 123 4.84 -3.54 -17.96
CA CYS A 123 5.13 -3.77 -16.55
C CYS A 123 5.77 -5.13 -16.41
N PRO A 124 6.98 -5.29 -16.91
CA PRO A 124 7.52 -6.63 -17.06
C PRO A 124 7.69 -7.39 -15.76
N LYS A 125 7.83 -6.71 -14.62
CA LYS A 125 7.99 -7.33 -13.32
C LYS A 125 6.64 -7.48 -12.61
N GLY A 126 5.56 -7.06 -13.21
CA GLY A 126 4.24 -7.24 -12.66
C GLY A 126 3.59 -5.95 -12.15
N VAL A 127 2.34 -6.18 -11.71
CA VAL A 127 1.44 -5.09 -11.42
C VAL A 127 0.86 -5.27 -10.03
N VAL A 128 0.80 -4.15 -9.30
CA VAL A 128 0.28 -4.04 -7.97
C VAL A 128 -0.79 -2.95 -7.98
N ALA A 129 -1.77 -3.06 -7.09
CA ALA A 129 -2.71 -2.00 -6.86
C ALA A 129 -2.82 -1.77 -5.35
N SER A 130 -2.75 -0.51 -4.98
CA SER A 130 -2.81 -0.08 -3.60
C SER A 130 -4.11 0.69 -3.38
N LEU A 131 -4.92 0.17 -2.45
CA LEU A 131 -6.26 0.67 -2.20
C LEU A 131 -6.38 1.10 -0.74
N SER A 132 -6.00 2.36 -0.50
CA SER A 132 -6.09 2.97 0.80
C SER A 132 -7.46 3.62 0.93
N LEU A 133 -8.48 2.78 1.01
CA LEU A 133 -9.84 3.24 0.88
C LEU A 133 -10.75 2.17 1.44
N GLY A 134 -12.04 2.56 1.52
CA GLY A 134 -13.07 1.64 1.87
C GLY A 134 -13.97 2.15 2.97
N GLY A 135 -15.06 1.46 3.16
CA GLY A 135 -16.07 1.73 4.16
C GLY A 135 -16.63 0.43 4.66
N GLY A 136 -17.92 0.43 4.96
CA GLY A 136 -18.57 -0.75 5.48
C GLY A 136 -18.70 -1.87 4.47
N TYR A 137 -19.14 -3.03 4.96
CA TYR A 137 -19.15 -4.23 4.16
C TYR A 137 -20.02 -4.06 2.93
N SER A 138 -19.47 -4.51 1.80
CA SER A 138 -20.16 -4.56 0.54
C SER A 138 -19.66 -5.75 -0.24
N SER A 139 -20.55 -6.67 -0.57
CA SER A 139 -20.14 -7.82 -1.37
C SER A 139 -19.71 -7.35 -2.76
N SER A 140 -20.31 -6.31 -3.30
CA SER A 140 -19.92 -5.82 -4.62
C SER A 140 -18.53 -5.22 -4.61
N VAL A 141 -18.18 -4.47 -3.57
CA VAL A 141 -16.82 -3.96 -3.48
C VAL A 141 -15.82 -5.10 -3.31
N ASN A 142 -16.16 -6.06 -2.46
CA ASN A 142 -15.25 -7.16 -2.28
C ASN A 142 -15.06 -7.93 -3.58
N SER A 143 -16.15 -8.14 -4.32
CA SER A 143 -16.05 -8.85 -5.58
C SER A 143 -15.16 -8.09 -6.57
N ALA A 144 -15.26 -6.79 -6.59
CA ALA A 144 -14.40 -6.02 -7.47
C ALA A 144 -12.94 -6.18 -7.11
N ALA A 145 -12.64 -6.20 -5.82
CA ALA A 145 -11.25 -6.39 -5.40
C ALA A 145 -10.79 -7.80 -5.75
N ALA A 146 -11.68 -8.79 -5.57
CA ALA A 146 -11.36 -10.15 -5.96
C ALA A 146 -11.11 -10.24 -7.47
N ARG A 147 -11.89 -9.57 -8.26
CA ARG A 147 -11.67 -9.59 -9.70
C ARG A 147 -10.33 -8.99 -10.05
N LEU A 148 -9.99 -7.86 -9.42
CA LEU A 148 -8.74 -7.23 -9.74
C LEU A 148 -7.58 -8.14 -9.43
N GLN A 149 -7.63 -8.80 -8.27
CA GLN A 149 -6.59 -9.77 -7.92
C GLN A 149 -6.55 -10.92 -8.93
N SER A 150 -7.72 -11.48 -9.25
CA SER A 150 -7.79 -12.59 -10.18
C SER A 150 -7.23 -12.26 -11.53
N SER A 151 -7.34 -10.99 -11.95
CA SER A 151 -6.85 -10.54 -13.23
C SER A 151 -5.33 -10.53 -13.30
N GLY A 152 -4.64 -10.73 -12.19
CA GLY A 152 -3.21 -10.75 -12.19
C GLY A 152 -2.54 -9.57 -11.56
N VAL A 153 -3.23 -8.85 -10.69
CA VAL A 153 -2.72 -7.70 -9.99
C VAL A 153 -2.61 -8.05 -8.51
N MET A 154 -1.48 -7.67 -7.89
CA MET A 154 -1.33 -7.83 -6.47
C MET A 154 -2.12 -6.72 -5.79
N VAL A 155 -3.25 -7.08 -5.17
CA VAL A 155 -4.09 -6.07 -4.55
C VAL A 155 -3.80 -5.98 -3.05
N ALA A 156 -3.46 -4.80 -2.60
CA ALA A 156 -3.27 -4.49 -1.19
C ALA A 156 -4.33 -3.48 -0.79
N VAL A 157 -5.03 -3.75 0.31
CA VAL A 157 -6.11 -2.90 0.76
C VAL A 157 -5.96 -2.58 2.24
N ALA A 158 -6.46 -1.41 2.62
CA ALA A 158 -6.41 -1.01 4.00
C ALA A 158 -7.40 -1.79 4.83
N ALA A 159 -7.00 -2.16 6.07
CA ALA A 159 -7.92 -2.87 6.94
C ALA A 159 -9.02 -2.01 7.48
N GLY A 160 -8.78 -0.69 7.57
CA GLY A 160 -9.69 0.25 8.14
C GLY A 160 -9.25 0.71 9.50
N ASN A 161 -9.84 1.85 9.93
CA ASN A 161 -9.33 2.62 11.05
C ASN A 161 -10.35 2.77 12.19
N ASN A 162 -11.12 1.76 12.43
CA ASN A 162 -12.20 1.76 13.40
C ASN A 162 -11.89 0.98 14.65
N ASN A 163 -10.69 0.52 14.84
CA ASN A 163 -10.34 -0.31 15.99
C ASN A 163 -11.38 -1.43 16.15
N ALA A 164 -11.69 -2.11 15.07
CA ALA A 164 -12.74 -3.06 14.98
C ALA A 164 -12.35 -4.21 14.08
N ASP A 165 -13.19 -5.23 14.03
CA ASP A 165 -12.91 -6.36 13.16
C ASP A 165 -13.19 -5.93 11.71
N ALA A 166 -12.13 -6.14 10.89
CA ALA A 166 -12.18 -5.81 9.49
C ALA A 166 -13.19 -6.65 8.69
N ARG A 167 -13.78 -7.68 9.29
CA ARG A 167 -14.82 -8.43 8.60
C ARG A 167 -15.99 -7.54 8.17
N ASN A 168 -16.16 -6.40 8.85
CA ASN A 168 -17.26 -5.53 8.57
C ASN A 168 -16.94 -4.36 7.68
N TYR A 169 -15.84 -4.44 6.95
CA TYR A 169 -15.34 -3.36 6.14
C TYR A 169 -14.96 -3.91 4.78
N SER A 170 -15.07 -3.07 3.75
CA SER A 170 -14.75 -3.47 2.40
C SER A 170 -13.92 -2.39 1.72
N PRO A 171 -12.96 -2.78 0.89
CA PRO A 171 -12.61 -4.15 0.48
C PRO A 171 -11.78 -4.94 1.48
N ALA A 172 -11.55 -4.43 2.69
CA ALA A 172 -10.76 -5.13 3.68
C ALA A 172 -11.16 -6.58 3.87
N SER A 173 -12.46 -6.84 3.88
CA SER A 173 -12.95 -8.16 4.22
C SER A 173 -12.91 -9.14 3.04
N GLU A 174 -12.49 -8.73 1.86
CA GLU A 174 -12.35 -9.68 0.77
C GLU A 174 -11.18 -10.61 1.05
N PRO A 175 -11.39 -11.93 1.17
CA PRO A 175 -10.29 -12.75 1.59
C PRO A 175 -9.13 -12.81 0.61
N SER A 176 -9.41 -12.71 -0.67
CA SER A 176 -8.40 -13.03 -1.67
C SER A 176 -7.38 -11.94 -1.94
N VAL A 177 -7.57 -10.76 -1.36
CA VAL A 177 -6.61 -9.68 -1.48
C VAL A 177 -5.72 -9.64 -0.24
N CYS A 178 -4.83 -8.65 -0.18
CA CYS A 178 -3.89 -8.53 0.92
C CYS A 178 -4.36 -7.40 1.82
N THR A 179 -4.94 -7.77 2.97
CA THR A 179 -5.54 -6.80 3.86
C THR A 179 -4.54 -6.38 4.93
N VAL A 180 -4.31 -5.10 5.03
CA VAL A 180 -3.16 -4.52 5.74
C VAL A 180 -3.60 -3.72 6.94
N GLY A 181 -3.16 -4.18 8.12
CA GLY A 181 -3.30 -3.40 9.34
C GLY A 181 -2.11 -2.48 9.57
N ALA A 182 -2.24 -1.60 10.56
CA ALA A 182 -1.23 -0.59 10.82
C ALA A 182 -0.56 -0.80 12.18
N SER A 183 0.74 -0.53 12.20
CA SER A 183 1.54 -0.50 13.43
C SER A 183 2.21 0.85 13.61
N ASP A 184 2.70 1.06 14.82
CA ASP A 184 3.46 2.25 15.13
C ASP A 184 4.93 1.92 15.38
N ARG A 185 5.71 2.99 15.62
CA ARG A 185 7.14 2.87 15.64
C ARG A 185 7.67 2.10 16.83
N TYR A 186 6.83 1.83 17.80
CA TYR A 186 7.17 1.01 18.96
C TYR A 186 6.58 -0.38 18.81
N ASP A 187 6.18 -0.77 17.60
CA ASP A 187 5.64 -2.11 17.37
C ASP A 187 4.38 -2.38 18.12
N ARG A 188 3.58 -1.34 18.34
CA ARG A 188 2.22 -1.55 18.79
C ARG A 188 1.30 -1.57 17.61
N ARG A 189 0.23 -2.34 17.68
CA ARG A 189 -0.87 -2.14 16.75
C ARG A 189 -1.28 -0.68 16.86
N SER A 190 -1.43 -0.01 15.73
CA SER A 190 -1.87 1.35 15.82
C SER A 190 -3.23 1.43 16.51
N SER A 191 -3.47 2.49 17.25
CA SER A 191 -4.64 2.60 18.12
C SER A 191 -5.94 2.41 17.36
N PHE A 192 -5.96 2.93 16.14
CA PHE A 192 -7.09 2.88 15.28
C PHE A 192 -7.21 1.66 14.38
N SER A 193 -6.13 0.84 14.31
CA SER A 193 -6.13 -0.17 13.28
C SER A 193 -7.21 -1.19 13.53
N ASN A 194 -7.92 -1.55 12.46
CA ASN A 194 -8.73 -2.74 12.50
C ASN A 194 -7.86 -3.95 12.62
N TYR A 195 -8.52 -5.07 12.95
CA TYR A 195 -7.90 -6.32 13.25
C TYR A 195 -8.84 -7.43 12.75
N GLY A 196 -8.52 -8.66 13.08
CA GLY A 196 -9.37 -9.76 12.75
C GLY A 196 -8.69 -10.80 11.89
N SER A 197 -9.41 -11.91 11.72
CA SER A 197 -8.90 -13.01 10.97
C SER A 197 -8.59 -12.70 9.50
N VAL A 198 -9.23 -11.71 8.92
CA VAL A 198 -9.02 -11.43 7.51
C VAL A 198 -7.74 -10.64 7.28
N LEU A 199 -7.16 -10.02 8.30
CA LEU A 199 -5.87 -9.35 8.05
C LEU A 199 -4.87 -10.35 7.61
N ASP A 200 -4.03 -9.96 6.61
CA ASP A 200 -2.92 -10.75 6.18
C ASP A 200 -1.59 -10.33 6.79
N ILE A 201 -1.47 -9.05 7.11
CA ILE A 201 -0.17 -8.45 7.39
C ILE A 201 -0.43 -7.10 8.04
N PHE A 202 0.60 -6.63 8.76
CA PHE A 202 0.67 -5.27 9.24
C PHE A 202 1.80 -4.56 8.54
N GLY A 203 1.64 -3.25 8.37
CA GLY A 203 2.71 -2.37 7.97
C GLY A 203 2.71 -1.11 8.79
N PRO A 204 3.79 -0.33 8.68
CA PRO A 204 3.86 0.96 9.39
C PRO A 204 2.72 1.86 8.97
N GLY A 205 2.00 2.37 9.98
CA GLY A 205 0.89 3.23 9.68
C GLY A 205 0.68 4.43 10.57
N THR A 206 1.39 4.53 11.69
CA THR A 206 1.26 5.71 12.54
C THR A 206 2.45 6.64 12.28
N ASP A 207 2.12 7.90 11.99
CA ASP A 207 3.14 8.97 11.81
C ASP A 207 4.08 8.67 10.66
N ILE A 208 3.49 8.56 9.48
CA ILE A 208 4.20 8.21 8.27
C ILE A 208 4.40 9.48 7.41
N LEU A 209 5.67 9.83 7.25
CA LEU A 209 6.08 10.95 6.43
C LEU A 209 6.10 10.55 4.96
N SER A 210 5.47 11.35 4.12
CA SER A 210 5.45 11.12 2.69
C SER A 210 5.15 12.43 1.98
N THR A 211 5.05 12.34 0.67
CA THR A 211 4.68 13.43 -0.19
C THR A 211 3.28 13.92 0.07
N TRP A 212 3.08 15.19 -0.26
CA TRP A 212 1.78 15.84 -0.23
C TRP A 212 1.70 16.80 -1.40
N ILE A 213 0.48 17.26 -1.66
CA ILE A 213 0.24 18.18 -2.74
C ILE A 213 0.89 19.53 -2.47
N GLY A 214 1.02 20.31 -3.56
CA GLY A 214 1.80 21.50 -3.53
C GLY A 214 3.28 21.26 -3.39
N GLY A 215 3.75 20.11 -3.83
CA GLY A 215 5.16 19.84 -3.75
C GLY A 215 5.71 19.71 -2.35
N SER A 216 4.86 19.33 -1.42
CA SER A 216 5.18 19.37 0.00
C SER A 216 5.34 17.96 0.57
N THR A 217 5.43 17.87 1.88
CA THR A 217 5.49 16.61 2.60
C THR A 217 4.73 16.77 3.90
N ARG A 218 4.23 15.68 4.44
CA ARG A 218 3.66 15.72 5.77
C ARG A 218 3.59 14.27 6.29
N SER A 219 3.37 14.19 7.60
CA SER A 219 3.15 12.92 8.28
C SER A 219 1.69 12.80 8.65
N ILE A 220 1.11 11.67 8.31
CA ILE A 220 -0.27 11.33 8.67
C ILE A 220 -0.28 9.84 9.07
N SER A 221 -1.43 9.42 9.58
CA SER A 221 -1.58 8.10 10.13
C SER A 221 -2.81 7.40 9.57
N GLY A 222 -2.72 6.09 9.42
CA GLY A 222 -3.88 5.33 9.00
C GLY A 222 -3.43 3.96 8.50
N THR A 223 -4.41 3.05 8.41
CA THR A 223 -4.19 1.88 7.60
C THR A 223 -3.97 2.26 6.14
N SER A 224 -4.41 3.44 5.74
CA SER A 224 -4.07 3.96 4.44
C SER A 224 -2.60 4.15 4.21
N MET A 225 -1.83 4.36 5.28
CA MET A 225 -0.39 4.56 5.19
C MET A 225 0.35 3.23 5.23
N ALA A 226 -0.24 2.24 5.93
CA ALA A 226 0.35 0.92 6.00
C ALA A 226 0.25 0.21 4.66
N THR A 227 -0.91 0.35 4.01
CA THR A 227 -1.21 -0.33 2.74
C THR A 227 -0.13 -0.10 1.69
N PRO A 228 0.27 1.15 1.41
CA PRO A 228 1.28 1.35 0.38
C PRO A 228 2.65 0.84 0.76
N HIS A 229 2.95 0.68 2.06
CA HIS A 229 4.20 0.00 2.39
C HIS A 229 4.19 -1.42 1.85
N VAL A 230 3.03 -2.10 2.04
CA VAL A 230 2.91 -3.46 1.54
C VAL A 230 2.86 -3.52 0.03
N ALA A 231 2.13 -2.58 -0.60
CA ALA A 231 2.10 -2.56 -2.05
C ALA A 231 3.49 -2.33 -2.63
N GLY A 232 4.21 -1.36 -2.05
CA GLY A 232 5.56 -1.13 -2.51
C GLY A 232 6.48 -2.32 -2.24
N LEU A 233 6.32 -2.96 -1.09
CA LEU A 233 7.11 -4.14 -0.81
C LEU A 233 6.83 -5.23 -1.85
N ALA A 234 5.58 -5.44 -2.18
CA ALA A 234 5.23 -6.41 -3.20
C ALA A 234 5.93 -6.08 -4.50
N ALA A 235 5.85 -4.84 -4.94
CA ALA A 235 6.49 -4.44 -6.20
C ALA A 235 7.97 -4.73 -6.16
N TYR A 236 8.60 -4.35 -5.05
CA TYR A 236 10.04 -4.61 -4.84
C TYR A 236 10.38 -6.10 -4.96
N LEU A 237 9.58 -6.94 -4.31
CA LEU A 237 9.84 -8.36 -4.30
C LEU A 237 9.54 -8.99 -5.65
N MET A 238 8.56 -8.49 -6.36
CA MET A 238 8.25 -8.94 -7.71
C MET A 238 9.36 -8.58 -8.65
N THR A 239 9.91 -7.39 -8.56
CA THR A 239 11.06 -7.04 -9.37
C THR A 239 12.25 -7.97 -9.07
N LEU A 240 12.47 -8.34 -7.84
CA LEU A 240 13.53 -9.26 -7.49
C LEU A 240 13.26 -10.67 -7.96
N GLY A 241 12.06 -10.97 -8.41
CA GLY A 241 11.70 -12.31 -8.87
C GLY A 241 11.37 -13.24 -7.76
N LYS A 242 11.20 -12.77 -6.52
CA LYS A 242 10.99 -13.62 -5.36
C LYS A 242 9.55 -14.11 -5.28
N THR A 243 8.64 -13.40 -5.92
CA THR A 243 7.23 -13.73 -5.83
C THR A 243 6.52 -13.15 -7.03
N THR A 244 5.21 -13.37 -7.08
CA THR A 244 4.36 -12.98 -8.18
C THR A 244 3.16 -12.25 -7.66
N ALA A 245 2.37 -11.65 -8.53
CA ALA A 245 1.18 -10.97 -8.06
C ALA A 245 0.23 -11.91 -7.30
N ALA A 246 0.11 -13.13 -7.75
CA ALA A 246 -0.82 -14.06 -7.14
C ALA A 246 -0.37 -14.47 -5.74
N SER A 247 0.96 -14.51 -5.55
CA SER A 247 1.54 -15.12 -4.37
C SER A 247 2.21 -14.16 -3.44
N ALA A 248 2.26 -12.86 -3.78
CA ALA A 248 3.05 -11.92 -3.01
C ALA A 248 2.55 -11.73 -1.62
N CYS A 249 1.23 -11.66 -1.41
CA CYS A 249 0.73 -11.47 -0.05
C CYS A 249 1.18 -12.62 0.84
N ARG A 250 1.01 -13.84 0.33
CA ARG A 250 1.41 -15.02 1.07
C ARG A 250 2.92 -15.03 1.32
N TYR A 251 3.69 -14.64 0.31
CA TYR A 251 5.14 -14.55 0.49
C TYR A 251 5.51 -13.54 1.58
N ILE A 252 4.87 -12.37 1.53
CA ILE A 252 5.11 -11.35 2.55
C ILE A 252 4.76 -11.88 3.92
N ALA A 253 3.65 -12.60 4.06
CA ALA A 253 3.34 -13.21 5.32
C ALA A 253 4.39 -14.28 5.69
N ASP A 254 4.83 -15.09 4.76
CA ASP A 254 5.83 -16.12 5.03
C ASP A 254 7.09 -15.50 5.60
N THR A 255 7.48 -14.36 5.09
CA THR A 255 8.76 -13.76 5.36
C THR A 255 8.69 -12.59 6.37
N ALA A 256 7.52 -12.36 6.92
CA ALA A 256 7.32 -11.27 7.84
C ALA A 256 8.06 -11.45 9.14
N ASN A 257 8.26 -10.34 9.85
CA ASN A 257 8.59 -10.44 11.28
C ASN A 257 7.40 -10.93 12.04
N LYS A 258 7.59 -12.01 12.81
CA LYS A 258 6.52 -12.69 13.46
C LYS A 258 6.58 -12.46 14.97
N GLY A 259 5.46 -12.11 15.55
CA GLY A 259 5.30 -11.97 17.00
C GLY A 259 5.88 -10.69 17.58
N ASP A 260 6.19 -9.71 16.81
CA ASP A 260 6.84 -8.47 17.23
C ASP A 260 5.84 -7.46 17.75
N LEU A 261 4.63 -7.42 17.45
CA LEU A 261 3.61 -6.47 17.65
C LEU A 261 2.88 -6.72 18.94
N SER A 262 2.59 -5.65 19.64
CA SER A 262 1.74 -5.68 20.83
C SER A 262 0.30 -5.24 20.54
N ASN A 263 -0.60 -5.62 21.45
CA ASN A 263 -2.04 -5.33 21.40
C ASN A 263 -2.64 -5.92 20.14
N ILE A 264 -2.16 -7.10 19.74
CA ILE A 264 -2.76 -7.87 18.66
C ILE A 264 -3.81 -8.78 19.27
N PRO A 265 -5.06 -8.66 18.95
CA PRO A 265 -6.03 -9.57 19.55
C PRO A 265 -5.83 -11.00 19.10
N PHE A 266 -6.43 -11.89 19.91
N PHE A 266 -5.87 -11.94 20.03
CA PHE A 266 -6.76 -13.26 19.57
CA PHE A 266 -5.77 -13.35 19.67
C PHE A 266 -7.46 -13.36 18.22
C PHE A 266 -6.63 -13.65 18.43
N GLY A 267 -6.91 -14.18 17.32
N GLY A 267 -6.00 -14.35 17.48
CA GLY A 267 -7.40 -14.40 16.02
CA GLY A 267 -6.67 -14.68 16.24
C GLY A 267 -6.82 -13.47 14.96
C GLY A 267 -6.38 -13.77 15.08
N THR A 268 -5.84 -12.60 15.32
CA THR A 268 -5.27 -11.69 14.32
C THR A 268 -3.81 -12.06 14.12
N VAL A 269 -3.35 -12.06 12.89
CA VAL A 269 -1.95 -12.34 12.66
C VAL A 269 -1.05 -11.32 13.37
N ASN A 270 0.06 -11.84 13.86
CA ASN A 270 1.13 -11.00 14.40
C ASN A 270 2.30 -11.05 13.44
N LEU A 271 2.13 -10.34 12.34
CA LEU A 271 3.02 -10.39 11.21
C LEU A 271 3.26 -8.94 10.71
N LEU A 272 4.51 -8.55 10.59
CA LEU A 272 4.88 -7.20 10.20
C LEU A 272 5.77 -7.31 8.95
N ALA A 273 5.37 -6.60 7.92
CA ALA A 273 6.03 -6.66 6.63
C ALA A 273 7.53 -6.40 6.74
N TYR A 274 8.30 -7.24 6.07
CA TYR A 274 9.75 -7.25 6.21
C TYR A 274 10.34 -7.67 4.89
N ASN A 275 11.36 -6.94 4.42
CA ASN A 275 11.97 -7.21 3.14
C ASN A 275 13.05 -8.27 3.18
N ASN A 276 13.50 -8.70 4.32
CA ASN A 276 14.57 -9.70 4.50
CA ASN A 276 14.55 -9.72 4.44
C ASN A 276 15.72 -9.40 3.58
N TYR A 277 16.10 -8.16 3.41
CA TYR A 277 17.18 -7.81 2.54
C TYR A 277 18.49 -8.19 3.21
N GLN A 278 19.33 -8.90 2.52
CA GLN A 278 20.61 -9.38 2.95
C GLN A 278 21.62 -8.88 1.89
N ALA A 279 22.37 -7.84 2.13
CA ALA A 279 23.36 -7.27 1.23
C ALA A 279 24.34 -8.33 0.76
CA CA B . -6.18 -12.12 2.31
N NO3 C . -2.93 0.03 -26.42
O1 NO3 C . -3.97 -0.16 -27.31
O2 NO3 C . -2.57 -1.04 -25.55
O3 NO3 C . -2.51 1.35 -26.17
N NO3 D . 4.40 6.65 19.04
O1 NO3 D . 5.44 7.54 18.69
O2 NO3 D . 4.15 6.54 20.43
O3 NO3 D . 4.33 5.42 18.36
N NO3 E . -22.04 -0.50 -5.23
O1 NO3 E . -22.30 0.06 -3.99
O2 NO3 E . -22.16 -1.89 -5.49
O3 NO3 E . -21.80 0.26 -6.38
N NO3 F . -13.26 16.26 -6.89
O1 NO3 F . -13.91 16.80 -7.83
O2 NO3 F . -12.31 15.53 -7.11
O3 NO3 F . -13.60 16.55 -5.64
N NO3 G . 0.41 -8.12 -15.27
O1 NO3 G . 0.34 -7.41 -16.50
O2 NO3 G . 1.53 -8.93 -14.96
O3 NO3 G . -0.82 -8.53 -14.67
N NO3 H . -1.22 -17.82 -4.32
O1 NO3 H . -0.28 -17.62 -3.31
O2 NO3 H . -0.85 -17.85 -5.67
O3 NO3 H . -2.55 -17.91 -3.84
N NO3 I . -14.34 5.28 0.34
O1 NO3 I . -14.86 6.56 0.15
O2 NO3 I . -13.00 5.05 0.59
O3 NO3 I . -15.24 4.23 0.57
N NO3 J . -17.15 -8.82 15.35
O1 NO3 J . -17.17 -8.05 14.24
O2 NO3 J . -17.18 -10.21 15.33
O3 NO3 J . -17.01 -8.05 16.53
N NO3 K . 10.85 -10.00 -16.64
O1 NO3 K . 10.59 -10.80 -15.52
O2 NO3 K . 9.83 -9.82 -17.61
O3 NO3 K . 12.00 -9.20 -16.64
S SO4 L . -6.34 11.02 -16.42
O1 SO4 L . -4.90 11.00 -16.75
O2 SO4 L . -6.62 10.87 -15.02
O3 SO4 L . -6.89 12.31 -16.85
O4 SO4 L . -6.88 10.00 -17.30
N B2A M . -11.06 4.05 4.12
CA B2A M . -10.16 3.45 5.13
CB B2A M . -10.26 1.93 5.10
B B2A M . -8.72 3.92 4.86
O1 B2A M . -8.51 5.37 4.78
O2 B2A M . -7.55 3.32 5.53
N B2A N . -4.46 9.27 6.19
CA B2A N . -5.83 9.34 6.78
CB B2A N . -6.65 10.41 6.08
B B2A N . -6.53 7.96 6.65
O1 B2A N . -6.34 6.85 7.59
O2 B2A N . -7.09 7.43 5.40
#